data_5LG2
#
_entry.id   5LG2
#
_cell.length_a   181.350
_cell.length_b   181.350
_cell.length_c   181.350
_cell.angle_alpha   90.00
_cell.angle_beta   90.00
_cell.angle_gamma   90.00
#
_symmetry.space_group_name_H-M   'F 4 3 2'
#
loop_
_entity.id
_entity.type
_entity.pdbx_description
1 polymer 'Ferritin light chain'
2 non-polymer 'CADMIUM ION'
3 non-polymer 'FE (III) ION'
4 non-polymer 'CHLORIDE ION'
5 non-polymer 'OXYGEN MOLECULE'
6 non-polymer 'PEROXIDE ION'
7 non-polymer GLYCEROL
8 water water
#
_entity_poly.entity_id   1
_entity_poly.type   'polypeptide(L)'
_entity_poly.pdbx_seq_one_letter_code
;SQIRQNYSTEVEAAVNRLVNLYLRASYTYLSLGFYFDRDDVALEGV(CME)HFFRELAEEKREGAERLLKMQNQRGGRAL
FQDLQKPSQDEWGTTLDAMKAAIVLEKSLNQALLDLHALGSAQADPHLCDFLESHFLDEEVKLIKKMGDHLTNIQRLVGS
QAGLGEYLFERLTLK
;
_entity_poly.pdbx_strand_id   A
#
loop_
_chem_comp.id
_chem_comp.type
_chem_comp.name
_chem_comp.formula
CD non-polymer 'CADMIUM ION' 'Cd 2'
CL non-polymer 'CHLORIDE ION' 'Cl -1'
FE non-polymer 'FE (III) ION' 'Fe 3'
GOL non-polymer GLYCEROL 'C3 H8 O3'
OXY non-polymer 'OXYGEN MOLECULE' O2
PER non-polymer 'PEROXIDE ION' 'O2 -2'
#
# COMPACT_ATOMS: atom_id res chain seq x y z
N SER A 1 -18.46 -23.71 -10.11
CA SER A 1 -16.98 -24.10 -10.09
C SER A 1 -16.77 -25.46 -9.44
N GLN A 2 -16.18 -26.38 -10.21
CA GLN A 2 -15.82 -27.71 -9.74
C GLN A 2 -14.89 -27.66 -8.48
N ILE A 3 -14.11 -26.60 -8.30
CA ILE A 3 -13.15 -26.60 -7.18
C ILE A 3 -13.65 -25.82 -5.92
N ARG A 4 -14.65 -24.96 -6.10
CA ARG A 4 -15.01 -24.00 -5.06
C ARG A 4 -15.53 -24.73 -3.82
N GLN A 5 -14.99 -24.40 -2.66
CA GLN A 5 -15.36 -25.10 -1.42
C GLN A 5 -15.12 -24.18 -0.24
N ASN A 6 -16.20 -23.88 0.50
CA ASN A 6 -16.15 -23.01 1.69
C ASN A 6 -15.73 -21.57 1.34
N TYR A 7 -16.14 -21.08 0.18
CA TYR A 7 -15.68 -19.78 -0.29
C TYR A 7 -16.89 -18.94 -0.62
N SER A 8 -17.27 -18.04 0.27
CA SER A 8 -18.56 -17.38 0.15
C SER A 8 -18.54 -16.25 -0.91
N THR A 9 -19.70 -15.93 -1.45
CA THR A 9 -19.77 -14.87 -2.43
C THR A 9 -19.40 -13.53 -1.76
N GLU A 10 -19.64 -13.37 -0.46
CA GLU A 10 -19.25 -12.17 0.32
C GLU A 10 -17.72 -11.98 0.32
N VAL A 11 -16.98 -13.06 0.62
CA VAL A 11 -15.53 -13.06 0.57
C VAL A 11 -14.99 -12.84 -0.86
N GLU A 12 -15.51 -13.56 -1.85
CA GLU A 12 -15.17 -13.32 -3.24
C GLU A 12 -15.26 -11.81 -3.60
N ALA A 13 -16.40 -11.20 -3.28
CA ALA A 13 -16.66 -9.79 -3.56
C ALA A 13 -15.69 -8.84 -2.85
N ALA A 14 -15.39 -9.15 -1.58
CA ALA A 14 -14.47 -8.34 -0.77
C ALA A 14 -13.05 -8.48 -1.30
N VAL A 15 -12.70 -9.70 -1.76
CA VAL A 15 -11.41 -9.92 -2.37
C VAL A 15 -11.26 -9.05 -3.63
N ASN A 16 -12.27 -9.03 -4.53
CA ASN A 16 -12.21 -8.14 -5.70
C ASN A 16 -12.07 -6.64 -5.31
N ARG A 17 -12.76 -6.22 -4.27
CA ARG A 17 -12.58 -4.85 -3.79
C ARG A 17 -11.17 -4.60 -3.26
N LEU A 18 -10.62 -5.57 -2.54
CA LEU A 18 -9.25 -5.41 -2.03
C LEU A 18 -8.23 -5.35 -3.17
N VAL A 19 -8.45 -6.13 -4.24
CA VAL A 19 -7.55 -6.00 -5.39
C VAL A 19 -7.58 -4.56 -5.94
N ASN A 20 -8.77 -3.99 -6.09
CA ASN A 20 -8.89 -2.64 -6.55
C ASN A 20 -8.17 -1.64 -5.59
N LEU A 21 -8.32 -1.82 -4.27
CA LEU A 21 -7.60 -0.94 -3.32
C LEU A 21 -6.09 -1.04 -3.53
N TYR A 22 -5.59 -2.26 -3.74
CA TYR A 22 -4.12 -2.43 -3.90
C TYR A 22 -3.60 -1.80 -5.19
N LEU A 23 -4.34 -1.99 -6.29
CA LEU A 23 -3.95 -1.42 -7.59
C LEU A 23 -4.00 0.10 -7.51
N ARG A 24 -4.97 0.61 -6.76
CA ARG A 24 -5.07 2.03 -6.57
C ARG A 24 -3.92 2.57 -5.71
N ALA A 25 -3.54 1.84 -4.66
CA ALA A 25 -2.37 2.18 -3.84
C ALA A 25 -1.14 2.20 -4.76
N SER A 26 -1.00 1.17 -5.58
CA SER A 26 0.14 1.08 -6.50
C SER A 26 0.18 2.32 -7.39
N TYR A 27 -0.99 2.73 -7.88
CA TYR A 27 -1.10 3.89 -8.76
C TYR A 27 -0.72 5.18 -8.03
N THR A 28 -1.23 5.34 -6.81
CA THR A 28 -0.83 6.44 -5.96
C THR A 28 0.68 6.54 -5.78
N TYR A 29 1.32 5.40 -5.49
CA TYR A 29 2.77 5.39 -5.27
C TYR A 29 3.59 5.69 -6.52
N LEU A 30 3.06 5.26 -7.68
CA LEU A 30 3.67 5.62 -8.96
C LEU A 30 3.69 7.14 -9.16
N SER A 31 2.57 7.81 -8.92
CA SER A 31 2.47 9.23 -8.97
C SER A 31 3.37 9.93 -7.92
N LEU A 32 3.38 9.43 -6.66
CA LEU A 32 4.37 9.91 -5.63
C LEU A 32 5.81 9.81 -6.13
N GLY A 33 6.18 8.65 -6.65
CA GLY A 33 7.54 8.41 -7.19
C GLY A 33 7.93 9.41 -8.27
N PHE A 34 7.11 9.56 -9.32
CA PHE A 34 7.49 10.46 -10.38
C PHE A 34 7.40 11.94 -10.01
N TYR A 35 6.56 12.29 -9.03
CA TYR A 35 6.59 13.65 -8.50
C TYR A 35 7.99 14.02 -7.93
N PHE A 36 8.59 13.13 -7.15
CA PHE A 36 9.89 13.41 -6.50
C PHE A 36 11.08 13.32 -7.49
N ASP A 37 10.79 12.78 -8.67
CA ASP A 37 11.72 12.75 -9.80
C ASP A 37 11.64 14.06 -10.67
N ARG A 38 10.72 14.96 -10.36
CA ARG A 38 10.64 16.22 -11.12
C ARG A 38 11.95 17.00 -10.93
N ASP A 39 12.32 17.83 -11.90
CA ASP A 39 13.61 18.56 -11.76
C ASP A 39 13.47 19.62 -10.67
N ASP A 40 12.24 20.07 -10.43
CA ASP A 40 12.02 21.06 -9.36
C ASP A 40 11.74 20.47 -7.99
N VAL A 41 11.87 19.16 -7.84
CA VAL A 41 11.70 18.49 -6.53
C VAL A 41 12.99 17.72 -6.24
N ALA A 42 13.32 16.82 -7.16
CA ALA A 42 14.65 16.22 -7.29
C ALA A 42 15.10 15.57 -5.97
N LEU A 43 14.32 14.63 -5.46
CA LEU A 43 14.75 13.86 -4.28
C LEU A 43 14.71 12.41 -4.67
N GLU A 44 15.80 11.99 -5.29
CA GLU A 44 15.87 10.69 -5.90
C GLU A 44 15.62 9.54 -4.89
N GLY A 45 16.14 9.64 -3.67
CA GLY A 45 15.92 8.58 -2.69
C GLY A 45 14.41 8.50 -2.35
N VAL A 46 13.68 9.62 -2.37
CA VAL A 46 12.22 9.59 -2.09
C VAL A 46 11.51 8.92 -3.29
N CME A 47 11.93 9.28 -4.49
CA CME A 47 11.41 8.65 -5.71
CB CME A 47 12.06 9.26 -6.96
SG CME A 47 11.50 8.42 -8.43
SD CME A 47 13.06 7.18 -8.85
CE CME A 47 13.84 7.89 -10.30
CZ CME A 47 15.32 8.25 -10.15
OH CME A 47 15.55 9.66 -10.28
C CME A 47 11.59 7.13 -5.67
O CME A 47 10.64 6.35 -5.92
N HIS A 48 12.80 6.65 -5.34
CA HIS A 48 13.06 5.20 -5.29
CA HIS A 48 13.09 5.21 -5.29
C HIS A 48 12.18 4.55 -4.22
N PHE A 49 12.05 5.20 -3.07
CA PHE A 49 11.22 4.65 -2.00
C PHE A 49 9.76 4.44 -2.47
N PHE A 50 9.13 5.43 -3.08
CA PHE A 50 7.77 5.24 -3.51
C PHE A 50 7.60 4.34 -4.73
N ARG A 51 8.58 4.35 -5.63
CA ARG A 51 8.52 3.43 -6.78
C ARG A 51 8.62 1.96 -6.35
N GLU A 52 9.43 1.68 -5.34
CA GLU A 52 9.46 0.37 -4.71
C GLU A 52 8.08 -0.01 -4.09
N LEU A 53 7.43 0.95 -3.42
CA LEU A 53 6.10 0.70 -2.88
C LEU A 53 5.06 0.44 -3.98
N ALA A 54 5.15 1.14 -5.12
CA ALA A 54 4.22 0.90 -6.26
C ALA A 54 4.29 -0.56 -6.68
N GLU A 55 5.51 -1.06 -6.77
CA GLU A 55 5.76 -2.47 -7.11
C GLU A 55 5.20 -3.49 -6.08
N GLU A 56 5.46 -3.25 -4.81
CA GLU A 56 4.96 -4.08 -3.72
C GLU A 56 3.42 -4.19 -3.73
N LYS A 57 2.75 -3.06 -3.95
CA LYS A 57 1.31 -3.03 -3.91
C LYS A 57 0.77 -3.75 -5.12
N ARG A 58 1.42 -3.59 -6.26
CA ARG A 58 1.03 -4.33 -7.46
C ARG A 58 1.14 -5.85 -7.22
N GLU A 59 2.26 -6.27 -6.62
CA GLU A 59 2.42 -7.68 -6.25
C GLU A 59 1.37 -8.19 -5.26
N GLY A 60 0.97 -7.36 -4.29
CA GLY A 60 -0.07 -7.67 -3.36
C GLY A 60 -1.34 -8.01 -4.15
N ALA A 61 -1.70 -7.18 -5.14
CA ALA A 61 -2.89 -7.40 -5.95
C ALA A 61 -2.92 -8.72 -6.76
N GLU A 62 -1.81 -8.98 -7.44
CA GLU A 62 -1.56 -10.24 -8.08
C GLU A 62 -1.64 -11.46 -7.16
N ARG A 63 -1.07 -11.42 -5.95
CA ARG A 63 -1.23 -12.52 -4.97
C ARG A 63 -2.72 -12.71 -4.62
N LEU A 64 -3.44 -11.60 -4.47
CA LEU A 64 -4.87 -11.68 -4.23
C LEU A 64 -5.57 -12.28 -5.43
N LEU A 65 -5.15 -11.94 -6.64
CA LEU A 65 -5.83 -12.46 -7.81
C LEU A 65 -5.54 -13.96 -8.00
N LYS A 66 -4.30 -14.38 -7.71
CA LYS A 66 -3.89 -15.76 -7.78
C LYS A 66 -4.72 -16.56 -6.74
N MET A 67 -4.88 -16.02 -5.54
CA MET A 67 -5.67 -16.67 -4.49
C MET A 67 -7.14 -16.82 -4.89
N GLN A 68 -7.72 -15.74 -5.41
CA GLN A 68 -9.10 -15.73 -5.89
C GLN A 68 -9.31 -16.91 -6.86
N ASN A 69 -8.43 -17.05 -7.85
CA ASN A 69 -8.49 -18.19 -8.76
C ASN A 69 -8.30 -19.58 -8.09
N GLN A 70 -7.41 -19.64 -7.10
CA GLN A 70 -7.14 -20.91 -6.37
C GLN A 70 -8.39 -21.41 -5.64
N ARG A 71 -9.25 -20.47 -5.21
CA ARG A 71 -10.45 -20.78 -4.47
C ARG A 71 -11.67 -20.99 -5.36
N GLY A 72 -11.52 -20.69 -6.65
CA GLY A 72 -12.65 -20.75 -7.57
C GLY A 72 -13.52 -19.50 -7.61
N GLY A 73 -13.04 -18.38 -7.05
CA GLY A 73 -13.72 -17.09 -7.25
C GLY A 73 -13.41 -16.55 -8.64
N ARG A 74 -14.12 -15.50 -9.02
CA ARG A 74 -13.98 -14.91 -10.33
C ARG A 74 -13.47 -13.51 -10.12
N ALA A 75 -12.29 -13.21 -10.67
CA ALA A 75 -11.75 -11.84 -10.59
C ALA A 75 -12.70 -10.85 -11.30
N LEU A 76 -13.09 -9.76 -10.66
CA LEU A 76 -13.82 -8.75 -11.43
C LEU A 76 -13.10 -7.44 -11.28
N PHE A 77 -12.72 -6.84 -12.39
CA PHE A 77 -11.97 -5.59 -12.35
C PHE A 77 -12.85 -4.37 -12.46
N GLN A 78 -12.53 -3.30 -11.72
CA GLN A 78 -13.22 -2.00 -11.84
C GLN A 78 -12.26 -0.89 -12.25
N ASP A 79 -12.82 0.29 -12.57
CA ASP A 79 -12.01 1.48 -12.91
C ASP A 79 -11.04 1.75 -11.79
N LEU A 80 -9.82 2.16 -12.11
CA LEU A 80 -8.90 2.61 -11.07
C LEU A 80 -8.93 4.11 -11.01
N GLN A 81 -9.41 4.59 -9.88
CA GLN A 81 -9.51 5.96 -9.61
C GLN A 81 -8.09 6.61 -9.52
N LYS A 82 -7.92 7.76 -10.13
CA LYS A 82 -6.64 8.40 -10.16
C LYS A 82 -6.21 8.79 -8.73
N PRO A 83 -4.90 8.99 -8.48
CA PRO A 83 -4.50 9.40 -7.09
C PRO A 83 -5.22 10.67 -6.60
N SER A 84 -5.29 10.86 -5.29
CA SER A 84 -6.03 12.00 -4.69
C SER A 84 -5.36 13.36 -4.94
N GLN A 85 -4.09 13.37 -5.33
CA GLN A 85 -3.40 14.63 -5.60
C GLN A 85 -2.56 14.49 -6.85
N ASP A 86 -2.25 15.65 -7.45
CA ASP A 86 -1.38 15.72 -8.61
C ASP A 86 0.03 16.14 -8.18
N GLU A 87 0.10 16.91 -7.11
CA GLU A 87 1.37 17.37 -6.51
C GLU A 87 1.38 16.96 -5.04
N TRP A 88 2.50 16.48 -4.54
CA TRP A 88 2.54 15.90 -3.22
C TRP A 88 3.26 16.70 -2.11
N GLY A 89 3.65 17.96 -2.41
CA GLY A 89 4.30 18.85 -1.44
C GLY A 89 5.68 18.37 -0.99
N THR A 90 5.95 18.41 0.30
CA THR A 90 7.25 18.08 0.81
C THR A 90 7.34 16.58 1.08
N THR A 91 8.53 16.10 1.42
CA THR A 91 8.69 14.69 1.83
C THR A 91 7.77 14.35 3.00
N LEU A 92 7.67 15.28 3.93
CA LEU A 92 6.80 15.15 5.08
C LEU A 92 5.33 15.00 4.65
N ASP A 93 4.84 15.87 3.75
CA ASP A 93 3.46 15.74 3.28
C ASP A 93 3.24 14.38 2.65
N ALA A 94 4.20 13.99 1.86
CA ALA A 94 4.10 12.79 1.10
C ALA A 94 4.10 11.54 1.98
N MET A 95 5.01 11.47 2.95
CA MET A 95 5.04 10.36 3.89
C MET A 95 3.78 10.31 4.78
N LYS A 96 3.23 11.44 5.18
CA LYS A 96 1.96 11.45 5.90
C LYS A 96 0.83 10.84 5.07
N ALA A 97 0.74 11.27 3.80
CA ALA A 97 -0.27 10.71 2.87
C ALA A 97 -0.05 9.20 2.68
N ALA A 98 1.22 8.76 2.55
CA ALA A 98 1.53 7.31 2.41
C ALA A 98 1.06 6.52 3.64
N ILE A 99 1.25 7.09 4.81
CA ILE A 99 0.80 6.43 6.05
C ILE A 99 -0.72 6.32 6.14
N VAL A 100 -1.44 7.40 5.88
CA VAL A 100 -2.90 7.36 5.69
C VAL A 100 -3.32 6.23 4.73
N LEU A 101 -2.72 6.18 3.57
CA LEU A 101 -3.00 5.15 2.56
C LEU A 101 -2.77 3.70 3.11
N GLU A 102 -1.64 3.48 3.78
CA GLU A 102 -1.32 2.16 4.27
C GLU A 102 -2.26 1.76 5.38
N LYS A 103 -2.62 2.73 6.22
CA LYS A 103 -3.58 2.45 7.26
C LYS A 103 -4.93 2.06 6.72
N SER A 104 -5.38 2.74 5.66
CA SER A 104 -6.65 2.32 5.08
C SER A 104 -6.57 0.93 4.42
N LEU A 105 -5.41 0.58 3.83
CA LEU A 105 -5.24 -0.77 3.28
C LEU A 105 -5.29 -1.82 4.37
N ASN A 106 -4.59 -1.51 5.46
CA ASN A 106 -4.56 -2.39 6.62
C ASN A 106 -5.98 -2.59 7.21
N GLN A 107 -6.73 -1.50 7.29
CA GLN A 107 -8.12 -1.58 7.78
C GLN A 107 -8.96 -2.49 6.88
N ALA A 108 -8.76 -2.40 5.56
CA ALA A 108 -9.48 -3.25 4.60
C ALA A 108 -9.06 -4.71 4.81
N LEU A 109 -7.78 -4.93 5.12
CA LEU A 109 -7.32 -6.31 5.40
C LEU A 109 -7.96 -6.87 6.67
N LEU A 110 -8.03 -6.06 7.71
CA LEU A 110 -8.63 -6.44 8.97
C LEU A 110 -10.12 -6.72 8.78
N ASP A 111 -10.86 -5.83 8.10
CA ASP A 111 -12.28 -6.09 7.76
C ASP A 111 -12.44 -7.42 7.00
N LEU A 112 -11.54 -7.73 6.06
CA LEU A 112 -11.62 -9.02 5.32
C LEU A 112 -11.33 -10.25 6.18
N HIS A 113 -10.38 -10.11 7.09
CA HIS A 113 -10.11 -11.16 8.06
C HIS A 113 -11.38 -11.40 8.93
N ALA A 114 -12.03 -10.31 9.37
CA ALA A 114 -13.22 -10.41 10.23
C ALA A 114 -14.37 -11.09 9.47
N LEU A 115 -14.56 -10.71 8.21
CA LEU A 115 -15.51 -11.39 7.33
C LEU A 115 -15.18 -12.89 7.21
N GLY A 116 -13.91 -13.20 6.97
CA GLY A 116 -13.48 -14.58 6.80
C GLY A 116 -13.75 -15.40 8.05
N SER A 117 -13.39 -14.82 9.19
CA SER A 117 -13.72 -15.37 10.50
C SER A 117 -15.25 -15.59 10.71
N ALA A 118 -16.08 -14.58 10.42
CA ALA A 118 -17.55 -14.72 10.47
C ALA A 118 -18.07 -15.85 9.53
N GLN A 119 -17.46 -16.00 8.35
CA GLN A 119 -17.84 -17.01 7.36
C GLN A 119 -17.19 -18.39 7.63
N ALA A 120 -16.41 -18.49 8.72
CA ALA A 120 -15.58 -19.70 9.04
C ALA A 120 -14.78 -20.21 7.81
N ASP A 121 -13.94 -19.32 7.29
CA ASP A 121 -13.12 -19.57 6.13
C ASP A 121 -11.64 -19.51 6.59
N PRO A 122 -11.12 -20.63 7.17
CA PRO A 122 -9.76 -20.51 7.76
C PRO A 122 -8.67 -20.30 6.72
N HIS A 123 -8.88 -20.77 5.49
CA HIS A 123 -7.83 -20.60 4.49
C HIS A 123 -7.64 -19.11 4.17
N LEU A 124 -8.76 -18.39 4.06
CA LEU A 124 -8.71 -16.92 3.87
C LEU A 124 -7.90 -16.22 4.98
N CYS A 125 -8.30 -16.50 6.23
CA CYS A 125 -7.65 -15.91 7.42
C CYS A 125 -6.16 -16.21 7.41
N ASP A 126 -5.77 -17.46 7.22
CA ASP A 126 -4.35 -17.79 7.12
C ASP A 126 -3.60 -17.09 5.97
N PHE A 127 -4.21 -17.08 4.79
CA PHE A 127 -3.64 -16.37 3.64
C PHE A 127 -3.34 -14.88 3.94
N LEU A 128 -4.32 -14.16 4.50
CA LEU A 128 -4.07 -12.76 4.91
C LEU A 128 -2.95 -12.68 5.96
N GLU A 129 -2.96 -13.60 6.93
CA GLU A 129 -2.04 -13.56 8.09
C GLU A 129 -0.61 -13.70 7.60
N SER A 130 -0.41 -14.78 6.86
CA SER A 130 0.86 -15.15 6.23
C SER A 130 1.47 -14.07 5.29
N HIS A 131 0.65 -13.46 4.43
CA HIS A 131 1.17 -12.67 3.29
C HIS A 131 0.96 -11.14 3.33
N PHE A 132 0.17 -10.63 4.26
CA PHE A 132 -0.34 -9.25 4.16
C PHE A 132 -0.31 -8.49 5.49
N LEU A 133 -0.80 -9.10 6.56
CA LEU A 133 -0.99 -8.44 7.86
C LEU A 133 0.34 -8.06 8.47
N ASP A 134 1.30 -8.97 8.43
CA ASP A 134 2.59 -8.73 9.04
C ASP A 134 3.36 -7.66 8.26
N GLU A 135 3.32 -7.77 6.93
CA GLU A 135 4.01 -6.86 6.06
C GLU A 135 3.44 -5.44 6.17
N GLU A 136 2.13 -5.32 6.33
CA GLU A 136 1.51 -4.02 6.55
C GLU A 136 1.96 -3.43 7.86
N VAL A 137 1.91 -4.24 8.93
CA VAL A 137 2.41 -3.74 10.22
C VAL A 137 3.88 -3.29 10.12
N LYS A 138 4.75 -4.12 9.52
CA LYS A 138 6.19 -3.75 9.42
C LYS A 138 6.33 -2.43 8.63
N LEU A 139 5.60 -2.30 7.52
CA LEU A 139 5.70 -1.15 6.65
C LEU A 139 5.26 0.15 7.33
N ILE A 140 4.12 0.07 8.04
CA ILE A 140 3.58 1.21 8.77
C ILE A 140 4.53 1.70 9.89
N LYS A 141 5.18 0.75 10.57
CA LYS A 141 6.22 1.05 11.57
C LYS A 141 7.40 1.85 10.93
N LYS A 142 7.87 1.35 9.78
CA LYS A 142 8.92 1.99 8.97
C LYS A 142 8.53 3.42 8.59
N MET A 143 7.32 3.61 8.07
CA MET A 143 6.81 4.95 7.73
C MET A 143 6.70 5.86 8.92
N GLY A 144 6.22 5.33 10.04
CA GLY A 144 6.13 6.14 11.23
C GLY A 144 7.54 6.56 11.66
N ASP A 145 8.49 5.64 11.58
CA ASP A 145 9.88 5.97 11.91
C ASP A 145 10.38 7.12 11.03
N HIS A 146 10.16 6.98 9.73
CA HIS A 146 10.53 8.00 8.74
C HIS A 146 9.90 9.31 9.09
N LEU A 147 8.60 9.28 9.37
CA LEU A 147 7.91 10.51 9.68
C LEU A 147 8.54 11.17 10.90
N THR A 148 8.94 10.37 11.89
CA THR A 148 9.56 10.97 13.11
C THR A 148 10.89 11.65 12.75
N ASN A 149 11.67 10.97 11.92
CA ASN A 149 12.94 11.56 11.49
C ASN A 149 12.81 12.80 10.60
N ILE A 150 11.94 12.76 9.60
CA ILE A 150 11.62 13.98 8.82
C ILE A 150 11.23 15.12 9.75
N GLN A 151 10.30 14.86 10.67
CA GLN A 151 9.82 15.92 11.60
C GLN A 151 10.98 16.44 12.44
N ARG A 152 11.81 15.55 12.95
CA ARG A 152 12.90 15.99 13.81
C ARG A 152 13.79 16.95 13.01
N LEU A 153 13.96 16.66 11.74
CA LEU A 153 14.85 17.40 10.85
C LEU A 153 14.31 18.69 10.28
N VAL A 154 12.99 18.80 10.13
CA VAL A 154 12.50 19.95 9.40
C VAL A 154 11.95 20.95 10.38
N GLY A 155 12.48 20.93 11.60
CA GLY A 155 12.24 21.96 12.60
C GLY A 155 12.80 23.30 12.14
N SER A 156 14.11 23.49 12.30
CA SER A 156 14.80 24.63 11.67
C SER A 156 15.31 24.18 10.29
N GLN A 157 15.38 25.12 9.33
CA GLN A 157 15.86 24.85 7.95
C GLN A 157 15.29 23.58 7.31
N ALA A 158 14.03 23.70 6.89
CA ALA A 158 13.26 22.62 6.27
C ALA A 158 13.99 22.01 5.04
N GLY A 159 14.64 22.85 4.24
CA GLY A 159 15.35 22.44 3.04
C GLY A 159 16.56 21.56 3.31
N LEU A 160 17.43 22.02 4.21
CA LEU A 160 18.55 21.19 4.71
C LEU A 160 18.07 19.82 5.28
N GLY A 161 17.00 19.84 6.07
CA GLY A 161 16.47 18.62 6.71
C GLY A 161 16.04 17.61 5.68
N GLU A 162 15.30 18.12 4.70
CA GLU A 162 14.78 17.31 3.61
C GLU A 162 15.89 16.67 2.75
N TYR A 163 16.91 17.47 2.38
CA TYR A 163 18.10 16.90 1.71
C TYR A 163 18.83 15.82 2.53
N LEU A 164 19.12 16.12 3.80
CA LEU A 164 19.83 15.15 4.68
C LEU A 164 19.08 13.83 4.86
N PHE A 165 17.75 13.92 5.03
CA PHE A 165 16.95 12.70 5.16
C PHE A 165 17.08 11.79 3.92
N GLU A 166 16.96 12.41 2.76
CA GLU A 166 16.98 11.70 1.50
C GLU A 166 18.36 11.10 1.30
N ARG A 167 19.43 11.82 1.70
CA ARG A 167 20.79 11.30 1.49
C ARG A 167 21.14 10.25 2.49
N LEU A 168 20.78 10.43 3.78
CA LEU A 168 21.36 9.57 4.80
C LEU A 168 20.44 8.44 5.21
N THR A 169 19.13 8.59 5.05
CA THR A 169 18.24 7.47 5.35
C THR A 169 17.76 6.70 4.11
N LEU A 170 17.35 7.40 3.06
CA LEU A 170 16.77 6.71 1.90
C LEU A 170 17.83 6.13 0.93
N LYS A 171 17.49 5.03 0.24
CA LYS A 171 18.50 4.16 -0.50
C LYS A 171 19.12 4.80 -1.77
CD CD B . -15.60 2.74 -16.43
CD CD C . -23.45 -16.04 1.56
CD CD D . -4.19 -18.27 12.26
FE FE E . 7.84 -8.11 -2.86
FE FE F . 9.67 -7.89 -6.36
FE FE G . 10.05 -5.34 -4.29
FE FE H . 12.43 -3.12 -7.26
CL CL I . -19.19 -25.92 0.15
O1 OXY J . 8.94 -7.40 -4.40
O1 PER K . 10.95 -6.81 -1.99
O2 PER K . 9.94 -7.75 -1.51
O1 PER L . 9.16 -10.19 -4.87
O2 PER L . 8.53 -10.22 -3.55
C1 GOL M . -0.56 -2.09 -13.83
O1 GOL M . -1.57 -3.09 -14.04
C2 GOL M . -1.18 -0.71 -13.57
O2 GOL M . -2.53 -0.83 -13.11
C3 GOL M . -0.41 0.00 -12.46
O3 GOL M . -1.33 0.75 -11.65
#